data_2PBW
#
_entry.id   2PBW
#
_cell.length_a   70.863
_cell.length_b   70.863
_cell.length_c   233.168
_cell.angle_alpha   90.00
_cell.angle_beta   90.00
_cell.angle_gamma   90.00
#
_symmetry.space_group_name_H-M   'P 41 21 2'
#
loop_
_entity.id
_entity.type
_entity.pdbx_description
1 polymer 'Glutamate receptor, ionotropic kainate 1'
2 non-polymer '(2S,3S,4S)-2-CARBOXY-4-[(1Z,3E,5R)-5-CARBOXY-1-METHYL-1,3-HEXADIENYL]-3-PYRROLIDINEACETIC ACID'
3 water water
#
_entity_poly.entity_id   1
_entity_poly.type   'polypeptide(L)'
_entity_poly.pdbx_seq_one_letter_code
;GANRTLIVTTILEEPYVMYRKSDKPLYGNDRFEGYCLDLLKELSNILGFLYDVKLVPDGKYGAQNDKGEWNGMVKELIDH
RADLAVAPLTITYVREKVIDFSKPFMTLGISILYRKGTPIDSADDLAKQTKIEYGAVRDGSTMTFFKKSKISTYEKMWAF
MSSRQQSALVKNSDEGIQRVLTTDYALLMESTSIEYVTQRNCNLTQIGGLIDSKGYGVGTPIGSPYRDKITIAILQLQEE
GKLHMMKEKWWRGNGCP
;
_entity_poly.pdbx_strand_id   A,B
#
loop_
_chem_comp.id
_chem_comp.type
_chem_comp.name
_chem_comp.formula
DOQ non-polymer '(2S,3S,4S)-2-CARBOXY-4-[(1Z,3E,5R)-5-CARBOXY-1-METHYL-1,3-HEXADIENYL]-3-PYRROLIDINEACETIC ACID' 'C15 H21 N O6'
#
# COMPACT_ATOMS: atom_id res chain seq x y z
N ARG A 4 24.94 -16.07 -11.05
CA ARG A 4 24.34 -17.29 -10.43
C ARG A 4 22.81 -17.27 -10.56
N THR A 5 22.23 -18.42 -10.83
CA THR A 5 20.78 -18.52 -10.99
C THR A 5 20.12 -18.49 -9.62
N LEU A 6 19.11 -17.63 -9.46
CA LEU A 6 18.41 -17.56 -8.18
C LEU A 6 17.30 -18.59 -8.13
N ILE A 7 17.13 -19.22 -6.98
CA ILE A 7 16.04 -20.18 -6.82
C ILE A 7 14.83 -19.39 -6.33
N VAL A 8 13.74 -19.46 -7.09
CA VAL A 8 12.52 -18.75 -6.73
C VAL A 8 11.47 -19.74 -6.25
N THR A 9 11.12 -19.65 -4.97
CA THR A 9 10.12 -20.54 -4.41
C THR A 9 8.76 -19.89 -4.63
N THR A 10 7.80 -20.70 -5.06
CA THR A 10 6.46 -20.17 -5.32
C THR A 10 5.42 -21.24 -5.06
N ILE A 11 4.16 -20.87 -5.27
CA ILE A 11 3.05 -21.78 -5.03
C ILE A 11 2.00 -21.52 -6.09
N LEU A 12 1.20 -22.53 -6.42
CA LEU A 12 0.15 -22.40 -7.43
C LEU A 12 -1.07 -21.66 -6.89
N GLU A 13 -1.47 -20.61 -7.59
CA GLU A 13 -2.63 -19.83 -7.17
C GLU A 13 -3.08 -18.94 -8.31
N GLU A 14 -4.31 -19.09 -8.77
CA GLU A 14 -4.83 -18.26 -9.86
C GLU A 14 -4.98 -16.82 -9.39
N PRO A 15 -4.54 -15.84 -10.20
CA PRO A 15 -3.91 -16.01 -11.51
C PRO A 15 -2.43 -15.64 -11.40
N TYR A 16 -1.90 -15.81 -10.21
CA TYR A 16 -0.51 -15.48 -9.92
C TYR A 16 0.47 -16.48 -10.53
N VAL A 17 0.27 -17.75 -10.23
CA VAL A 17 1.14 -18.82 -10.74
C VAL A 17 0.26 -19.98 -11.16
N MET A 18 0.29 -20.32 -12.44
CA MET A 18 -0.53 -21.42 -12.94
C MET A 18 0.23 -22.24 -13.95
N TYR A 19 -0.20 -23.50 -14.11
CA TYR A 19 0.39 -24.40 -15.08
C TYR A 19 -0.10 -23.97 -16.45
N ARG A 20 0.82 -23.82 -17.40
CA ARG A 20 0.44 -23.44 -18.76
C ARG A 20 -0.37 -24.58 -19.38
N LYS A 21 -1.08 -24.30 -20.47
CA LYS A 21 -1.86 -25.31 -21.19
C LYS A 21 -1.04 -25.74 -22.40
N SER A 22 -0.74 -27.04 -22.48
CA SER A 22 0.05 -27.53 -23.60
C SER A 22 -0.25 -29.00 -23.87
N ASP A 23 -0.15 -29.41 -25.12
CA ASP A 23 -0.43 -30.79 -25.50
C ASP A 23 0.66 -31.77 -25.04
N LYS A 24 1.88 -31.29 -24.84
CA LYS A 24 2.95 -32.17 -24.38
C LYS A 24 3.46 -31.75 -23.02
N PRO A 25 4.23 -32.62 -22.36
CA PRO A 25 4.77 -32.32 -21.03
C PRO A 25 5.65 -31.06 -21.04
N LEU A 26 5.51 -30.23 -20.02
CA LEU A 26 6.30 -29.01 -19.91
C LEU A 26 7.42 -29.18 -18.88
N TYR A 27 8.51 -28.45 -19.05
CA TYR A 27 9.63 -28.54 -18.13
C TYR A 27 10.09 -27.16 -17.70
N GLY A 28 10.77 -27.10 -16.55
CA GLY A 28 11.29 -25.84 -16.04
C GLY A 28 10.30 -24.70 -15.86
N ASN A 29 10.77 -23.48 -16.05
CA ASN A 29 9.94 -22.29 -15.89
C ASN A 29 8.85 -22.26 -16.92
N ASP A 30 9.04 -23.04 -17.97
CA ASP A 30 8.09 -23.11 -19.05
C ASP A 30 6.79 -23.76 -18.60
N ARG A 31 6.80 -24.34 -17.42
CA ARG A 31 5.62 -25.00 -16.87
C ARG A 31 4.59 -24.01 -16.36
N PHE A 32 5.04 -22.82 -16.01
CA PHE A 32 4.15 -21.81 -15.44
C PHE A 32 3.92 -20.54 -16.22
N GLU A 33 2.84 -19.86 -15.84
CA GLU A 33 2.44 -18.60 -16.45
C GLU A 33 1.60 -17.88 -15.39
N GLY A 34 1.44 -16.57 -15.55
CA GLY A 34 0.66 -15.83 -14.60
C GLY A 34 1.27 -14.50 -14.27
N TYR A 35 0.58 -13.74 -13.44
CA TYR A 35 1.04 -12.43 -13.03
C TYR A 35 2.43 -12.47 -12.38
N CYS A 36 2.65 -13.42 -11.49
CA CYS A 36 3.94 -13.51 -10.82
C CYS A 36 5.09 -13.90 -11.74
N LEU A 37 4.82 -14.71 -12.76
CA LEU A 37 5.88 -15.07 -13.70
C LEU A 37 6.19 -13.82 -14.53
N ASP A 38 5.16 -13.03 -14.83
CA ASP A 38 5.36 -11.79 -15.57
C ASP A 38 6.15 -10.81 -14.73
N LEU A 39 5.79 -10.70 -13.45
CA LEU A 39 6.50 -9.80 -12.55
C LEU A 39 7.96 -10.23 -12.48
N LEU A 40 8.13 -11.53 -12.25
CA LEU A 40 9.45 -12.12 -12.11
C LEU A 40 10.37 -11.84 -13.30
N LYS A 41 9.85 -11.97 -14.52
CA LYS A 41 10.69 -11.73 -15.66
C LYS A 41 10.97 -10.22 -15.83
N GLU A 42 10.07 -9.37 -15.32
CA GLU A 42 10.30 -7.93 -15.40
C GLU A 42 11.44 -7.59 -14.43
N LEU A 43 11.37 -8.15 -13.23
CA LEU A 43 12.40 -7.91 -12.23
C LEU A 43 13.74 -8.44 -12.71
N SER A 44 13.73 -9.62 -13.34
CA SER A 44 14.97 -10.21 -13.82
C SER A 44 15.60 -9.38 -14.94
N ASN A 45 14.78 -8.68 -15.73
CA ASN A 45 15.35 -7.84 -16.79
C ASN A 45 16.02 -6.63 -16.17
N ILE A 46 15.32 -6.00 -15.23
CA ILE A 46 15.84 -4.82 -14.55
C ILE A 46 17.09 -5.10 -13.73
N LEU A 47 17.05 -6.13 -12.89
CA LEU A 47 18.18 -6.47 -12.04
C LEU A 47 19.23 -7.33 -12.75
N GLY A 48 18.82 -8.01 -13.82
CA GLY A 48 19.73 -8.85 -14.57
C GLY A 48 20.13 -10.18 -13.93
N PHE A 49 19.17 -11.04 -13.64
CA PHE A 49 19.51 -12.34 -13.06
C PHE A 49 18.71 -13.45 -13.71
N LEU A 50 19.22 -14.66 -13.57
CA LEU A 50 18.55 -15.84 -14.11
C LEU A 50 17.85 -16.49 -12.93
N TYR A 51 16.86 -17.33 -13.19
CA TYR A 51 16.14 -17.93 -12.08
C TYR A 51 15.47 -19.25 -12.43
N ASP A 52 15.32 -20.11 -11.42
CA ASP A 52 14.64 -21.40 -11.58
C ASP A 52 13.43 -21.35 -10.65
N VAL A 53 12.24 -21.38 -11.22
CA VAL A 53 11.05 -21.37 -10.41
C VAL A 53 10.91 -22.77 -9.82
N LYS A 54 10.64 -22.84 -8.53
CA LYS A 54 10.49 -24.13 -7.88
C LYS A 54 9.33 -24.08 -6.91
N LEU A 55 8.34 -24.94 -7.12
CA LEU A 55 7.18 -24.99 -6.25
C LEU A 55 7.57 -25.43 -4.85
N VAL A 56 7.06 -24.73 -3.84
CA VAL A 56 7.38 -25.08 -2.47
C VAL A 56 6.93 -26.51 -2.22
N PRO A 57 7.86 -27.37 -1.79
CA PRO A 57 7.59 -28.79 -1.51
C PRO A 57 6.31 -29.08 -0.71
N ASP A 58 6.09 -28.43 0.42
CA ASP A 58 4.88 -28.73 1.18
C ASP A 58 3.63 -27.98 0.73
N GLY A 59 3.75 -27.12 -0.27
CA GLY A 59 2.59 -26.38 -0.76
C GLY A 59 1.90 -25.42 0.19
N LYS A 60 2.64 -24.87 1.14
CA LYS A 60 2.07 -23.94 2.09
C LYS A 60 2.77 -22.59 1.99
N TYR A 61 2.07 -21.51 2.31
CA TYR A 61 2.66 -20.18 2.24
C TYR A 61 3.66 -19.94 3.36
N GLY A 62 3.25 -20.24 4.58
CA GLY A 62 4.15 -20.05 5.70
C GLY A 62 3.47 -19.55 6.95
N ALA A 63 3.40 -20.43 7.94
CA ALA A 63 2.81 -20.10 9.23
C ALA A 63 3.71 -20.82 10.24
N GLN A 64 3.56 -20.48 11.51
CA GLN A 64 4.39 -21.14 12.50
C GLN A 64 3.56 -22.00 13.43
N ASN A 65 4.08 -23.18 13.78
CA ASN A 65 3.35 -24.09 14.67
C ASN A 65 3.50 -23.67 16.12
N ASP A 66 2.88 -24.42 17.01
CA ASP A 66 2.90 -24.11 18.44
C ASP A 66 4.31 -24.00 19.01
N LYS A 67 5.26 -24.73 18.43
CA LYS A 67 6.64 -24.70 18.90
C LYS A 67 7.43 -23.54 18.28
N GLY A 68 6.79 -22.80 17.39
CA GLY A 68 7.45 -21.67 16.76
C GLY A 68 8.25 -21.99 15.51
N GLU A 69 8.05 -23.16 14.92
CA GLU A 69 8.78 -23.49 13.70
C GLU A 69 7.92 -23.14 12.49
N TRP A 70 8.55 -22.61 11.46
CA TRP A 70 7.87 -22.18 10.24
C TRP A 70 7.84 -23.24 9.14
N ASN A 71 6.85 -23.14 8.25
CA ASN A 71 6.73 -24.08 7.14
C ASN A 71 6.63 -23.28 5.84
N GLY A 72 6.30 -23.97 4.75
CA GLY A 72 6.14 -23.32 3.46
C GLY A 72 7.23 -22.41 2.92
N MET A 73 6.81 -21.48 2.06
CA MET A 73 7.73 -20.54 1.45
C MET A 73 8.55 -19.75 2.46
N VAL A 74 7.92 -19.34 3.55
CA VAL A 74 8.63 -18.60 4.58
C VAL A 74 9.79 -19.45 5.07
N LYS A 75 9.52 -20.73 5.29
CA LYS A 75 10.57 -21.62 5.78
C LYS A 75 11.65 -21.82 4.73
N GLU A 76 11.27 -21.89 3.46
CA GLU A 76 12.26 -22.07 2.42
C GLU A 76 13.24 -20.91 2.47
N LEU A 77 12.74 -19.70 2.64
CA LEU A 77 13.61 -18.53 2.70
C LEU A 77 14.47 -18.56 3.97
N ILE A 78 13.87 -18.89 5.10
CA ILE A 78 14.63 -18.93 6.36
C ILE A 78 15.82 -19.89 6.30
N ASP A 79 15.65 -21.04 5.67
CA ASP A 79 16.73 -22.00 5.58
C ASP A 79 17.62 -21.80 4.36
N HIS A 80 17.41 -20.69 3.66
CA HIS A 80 18.19 -20.38 2.48
C HIS A 80 18.09 -21.42 1.37
N ARG A 81 16.92 -22.03 1.22
CA ARG A 81 16.71 -23.01 0.16
C ARG A 81 16.18 -22.27 -1.08
N ALA A 82 15.88 -20.99 -0.91
CA ALA A 82 15.39 -20.16 -2.01
C ALA A 82 15.89 -18.75 -1.76
N ASP A 83 16.08 -18.01 -2.84
CA ASP A 83 16.57 -16.64 -2.76
C ASP A 83 15.38 -15.67 -2.71
N LEU A 84 14.31 -16.00 -3.44
CA LEU A 84 13.13 -15.15 -3.49
C LEU A 84 11.86 -15.97 -3.36
N ALA A 85 10.81 -15.28 -2.93
CA ALA A 85 9.50 -15.88 -2.81
C ALA A 85 8.59 -14.94 -3.57
N VAL A 86 8.04 -15.42 -4.68
CA VAL A 86 7.16 -14.60 -5.50
C VAL A 86 5.79 -15.26 -5.57
N ALA A 87 4.83 -14.66 -4.88
CA ALA A 87 3.48 -15.18 -4.83
C ALA A 87 2.63 -14.21 -4.04
N PRO A 88 1.31 -14.44 -3.98
CA PRO A 88 0.46 -13.52 -3.21
C PRO A 88 0.74 -13.74 -1.72
N LEU A 89 1.98 -13.48 -1.31
CA LEU A 89 2.41 -13.67 0.06
C LEU A 89 2.21 -12.38 0.84
N THR A 90 1.14 -12.36 1.65
CA THR A 90 0.80 -11.19 2.44
C THR A 90 1.88 -10.75 3.41
N ILE A 91 2.17 -9.45 3.38
CA ILE A 91 3.17 -8.86 4.26
C ILE A 91 2.51 -8.73 5.64
N THR A 92 2.92 -9.56 6.57
CA THR A 92 2.35 -9.51 7.90
C THR A 92 3.40 -9.29 8.97
N TYR A 93 2.94 -8.83 10.12
CA TYR A 93 3.79 -8.56 11.26
C TYR A 93 4.59 -9.80 11.61
N VAL A 94 3.90 -10.91 11.79
CA VAL A 94 4.55 -12.15 12.18
C VAL A 94 5.57 -12.67 11.16
N ARG A 95 5.29 -12.46 9.87
CA ARG A 95 6.22 -12.93 8.83
C ARG A 95 7.41 -12.00 8.63
N GLU A 96 7.15 -10.69 8.68
CA GLU A 96 8.21 -9.71 8.48
C GLU A 96 9.31 -9.80 9.53
N LYS A 97 9.04 -10.48 10.65
CA LYS A 97 10.05 -10.62 11.70
C LYS A 97 11.06 -11.71 11.33
N VAL A 98 10.66 -12.68 10.50
CA VAL A 98 11.58 -13.76 10.15
C VAL A 98 12.16 -13.74 8.71
N ILE A 99 11.62 -12.86 7.86
CA ILE A 99 12.14 -12.75 6.50
C ILE A 99 12.04 -11.29 6.07
N ASP A 100 12.82 -10.91 5.06
CA ASP A 100 12.75 -9.53 4.58
C ASP A 100 11.83 -9.44 3.37
N PHE A 101 10.90 -8.50 3.42
CA PHE A 101 9.95 -8.28 2.34
C PHE A 101 10.35 -7.05 1.54
N SER A 102 10.03 -7.07 0.26
CA SER A 102 10.28 -5.93 -0.60
C SER A 102 9.07 -5.03 -0.36
N LYS A 103 9.07 -3.83 -0.91
CA LYS A 103 7.91 -2.96 -0.75
C LYS A 103 6.80 -3.70 -1.49
N PRO A 104 5.54 -3.48 -1.08
CA PRO A 104 4.46 -4.18 -1.76
C PRO A 104 4.36 -3.90 -3.27
N PHE A 105 4.03 -4.93 -4.05
CA PHE A 105 3.89 -4.76 -5.49
C PHE A 105 2.40 -4.75 -5.84
N MET A 106 1.59 -4.94 -4.81
CA MET A 106 0.14 -4.95 -4.96
C MET A 106 -0.45 -4.69 -3.57
N THR A 107 -1.39 -3.77 -3.48
CA THR A 107 -2.00 -3.48 -2.20
C THR A 107 -3.42 -4.00 -2.24
N LEU A 108 -3.92 -4.43 -1.09
CA LEU A 108 -5.25 -4.98 -1.02
C LEU A 108 -5.78 -4.94 0.41
N GLY A 109 -6.89 -5.63 0.63
CA GLY A 109 -7.45 -5.66 1.96
C GLY A 109 -8.37 -6.85 2.13
N ILE A 110 -8.75 -7.10 3.38
CA ILE A 110 -9.66 -8.19 3.67
C ILE A 110 -11.06 -7.71 3.39
N SER A 111 -11.82 -8.49 2.64
CA SER A 111 -13.19 -8.11 2.35
C SER A 111 -14.11 -9.34 2.36
N ILE A 112 -15.35 -9.16 1.92
CA ILE A 112 -16.31 -10.27 1.95
C ILE A 112 -16.85 -10.71 0.59
N LEU A 113 -16.74 -12.01 0.31
CA LEU A 113 -17.26 -12.59 -0.92
C LEU A 113 -18.56 -13.27 -0.53
N TYR A 114 -19.65 -12.91 -1.18
CA TYR A 114 -20.95 -13.47 -0.88
C TYR A 114 -21.71 -13.46 -2.18
N ARG A 115 -22.94 -13.95 -2.18
CA ARG A 115 -23.70 -13.94 -3.44
C ARG A 115 -24.48 -12.63 -3.56
N LYS A 116 -24.87 -12.32 -4.80
CA LYS A 116 -25.60 -11.09 -5.10
C LYS A 116 -27.06 -11.08 -4.63
N GLY A 117 -27.63 -9.88 -4.60
CA GLY A 117 -29.02 -9.71 -4.22
C GLY A 117 -29.41 -10.00 -2.80
N THR A 118 -28.55 -9.71 -1.82
CA THR A 118 -28.89 -9.95 -0.43
C THR A 118 -28.80 -8.65 0.35
N PRO A 119 -29.49 -8.58 1.51
CA PRO A 119 -29.49 -7.40 2.36
C PRO A 119 -28.18 -7.15 3.09
N ILE A 120 -27.33 -8.17 3.17
CA ILE A 120 -26.05 -8.03 3.86
C ILE A 120 -25.18 -6.98 3.17
N ASP A 121 -24.54 -6.11 3.94
CA ASP A 121 -23.73 -5.07 3.35
C ASP A 121 -22.44 -4.73 4.10
N SER A 122 -22.18 -5.41 5.21
CA SER A 122 -20.98 -5.12 5.97
C SER A 122 -20.59 -6.27 6.89
N ALA A 123 -19.35 -6.24 7.37
CA ALA A 123 -18.86 -7.28 8.27
C ALA A 123 -19.67 -7.22 9.54
N ASP A 124 -20.23 -6.05 9.82
CA ASP A 124 -21.03 -5.87 11.01
C ASP A 124 -22.36 -6.61 10.86
N ASP A 125 -22.97 -6.52 9.68
CA ASP A 125 -24.22 -7.21 9.43
C ASP A 125 -24.06 -8.69 9.71
N LEU A 126 -22.92 -9.24 9.30
CA LEU A 126 -22.64 -10.65 9.51
C LEU A 126 -22.44 -10.97 10.98
N ALA A 127 -21.68 -10.13 11.67
CA ALA A 127 -21.38 -10.32 13.07
C ALA A 127 -22.61 -10.39 13.96
N LYS A 128 -23.64 -9.61 13.62
CA LYS A 128 -24.88 -9.56 14.41
C LYS A 128 -25.81 -10.77 14.29
N GLN A 129 -25.52 -11.69 13.40
CA GLN A 129 -26.41 -12.84 13.22
C GLN A 129 -25.71 -14.19 13.16
N THR A 130 -26.50 -15.24 12.98
CA THR A 130 -25.97 -16.60 12.89
C THR A 130 -26.62 -17.44 11.81
N LYS A 131 -27.60 -16.90 11.10
CA LYS A 131 -28.25 -17.65 10.06
C LYS A 131 -27.20 -17.87 8.97
N ILE A 132 -26.59 -16.79 8.52
CA ILE A 132 -25.57 -16.86 7.49
C ILE A 132 -24.23 -17.24 8.11
N GLU A 133 -23.66 -18.35 7.67
CA GLU A 133 -22.38 -18.81 8.16
C GLU A 133 -21.27 -18.07 7.41
N TYR A 134 -20.13 -17.87 8.06
CA TYR A 134 -19.02 -17.19 7.41
C TYR A 134 -17.68 -17.62 7.99
N GLY A 135 -16.64 -17.56 7.18
CA GLY A 135 -15.33 -17.97 7.65
C GLY A 135 -14.22 -17.58 6.70
N ALA A 136 -13.07 -18.24 6.84
CA ALA A 136 -11.93 -17.93 5.99
C ALA A 136 -11.05 -19.15 5.82
N VAL A 137 -10.00 -19.02 5.03
CA VAL A 137 -9.09 -20.13 4.83
C VAL A 137 -8.34 -20.35 6.14
N ARG A 138 -8.38 -21.57 6.63
CA ARG A 138 -7.73 -21.92 7.89
C ARG A 138 -6.22 -21.69 7.84
N ASP A 139 -5.72 -20.95 8.83
CA ASP A 139 -4.30 -20.63 8.96
C ASP A 139 -3.75 -19.60 7.97
N GLY A 140 -4.63 -19.00 7.18
CA GLY A 140 -4.18 -17.97 6.24
C GLY A 140 -4.04 -16.66 7.00
N SER A 141 -3.49 -15.64 6.35
CA SER A 141 -3.31 -14.36 7.00
C SER A 141 -4.63 -13.73 7.41
N THR A 142 -5.69 -13.99 6.66
CA THR A 142 -6.98 -13.42 6.98
C THR A 142 -7.51 -13.99 8.29
N MET A 143 -7.43 -15.30 8.46
CA MET A 143 -7.90 -15.92 9.68
C MET A 143 -7.11 -15.35 10.85
N THR A 144 -5.80 -15.31 10.70
CA THR A 144 -4.94 -14.80 11.76
C THR A 144 -5.36 -13.39 12.16
N PHE A 145 -5.74 -12.57 11.19
CA PHE A 145 -6.17 -11.22 11.49
C PHE A 145 -7.33 -11.25 12.49
N PHE A 146 -8.35 -12.05 12.20
CA PHE A 146 -9.51 -12.15 13.08
C PHE A 146 -9.17 -12.79 14.41
N LYS A 147 -8.21 -13.70 14.40
CA LYS A 147 -7.81 -14.38 15.62
C LYS A 147 -7.14 -13.43 16.61
N LYS A 148 -6.30 -12.53 16.10
CA LYS A 148 -5.56 -11.60 16.96
C LYS A 148 -6.25 -10.27 17.22
N SER A 149 -7.27 -9.94 16.44
CA SER A 149 -7.96 -8.67 16.63
C SER A 149 -8.61 -8.50 18.00
N LYS A 150 -8.69 -7.26 18.46
CA LYS A 150 -9.32 -6.94 19.73
C LYS A 150 -10.47 -5.98 19.48
N ILE A 151 -10.79 -5.77 18.21
CA ILE A 151 -11.91 -4.92 17.84
C ILE A 151 -13.12 -5.80 18.14
N SER A 152 -14.08 -5.27 18.88
CA SER A 152 -15.27 -6.04 19.25
C SER A 152 -15.90 -6.83 18.10
N THR A 153 -16.31 -6.13 17.05
CA THR A 153 -16.94 -6.78 15.92
C THR A 153 -16.14 -7.95 15.37
N TYR A 154 -14.81 -7.80 15.31
CA TYR A 154 -13.95 -8.85 14.79
C TYR A 154 -13.73 -9.94 15.84
N GLU A 155 -13.80 -9.56 17.11
CA GLU A 155 -13.62 -10.52 18.20
C GLU A 155 -14.82 -11.45 18.17
N LYS A 156 -15.99 -10.87 17.91
CA LYS A 156 -17.22 -11.63 17.85
C LYS A 156 -17.19 -12.58 16.67
N MET A 157 -16.77 -12.09 15.51
CA MET A 157 -16.71 -12.91 14.31
C MET A 157 -15.72 -14.06 14.49
N TRP A 158 -14.64 -13.81 15.21
CA TRP A 158 -13.66 -14.86 15.44
C TRP A 158 -14.28 -15.90 16.35
N ALA A 159 -15.06 -15.44 17.32
CA ALA A 159 -15.72 -16.35 18.24
C ALA A 159 -16.57 -17.34 17.45
N PHE A 160 -17.27 -16.83 16.44
CA PHE A 160 -18.12 -17.66 15.62
C PHE A 160 -17.34 -18.58 14.67
N MET A 161 -16.33 -18.02 14.01
CA MET A 161 -15.51 -18.79 13.08
C MET A 161 -14.82 -19.97 13.75
N SER A 162 -14.27 -19.74 14.94
CA SER A 162 -13.54 -20.78 15.66
C SER A 162 -14.41 -21.79 16.41
N SER A 163 -15.68 -21.47 16.58
CA SER A 163 -16.59 -22.35 17.30
C SER A 163 -16.83 -23.63 16.52
N ARG A 164 -17.42 -24.62 17.18
CA ARG A 164 -17.76 -25.89 16.56
C ARG A 164 -16.61 -26.50 15.77
N GLN A 165 -15.42 -26.52 16.37
CA GLN A 165 -14.25 -27.08 15.72
C GLN A 165 -13.87 -26.38 14.43
N GLN A 166 -14.15 -25.09 14.35
CA GLN A 166 -13.81 -24.32 13.16
C GLN A 166 -14.51 -24.86 11.91
N SER A 167 -15.72 -25.35 12.06
CA SER A 167 -16.43 -25.86 10.90
C SER A 167 -16.71 -24.76 9.86
N ALA A 168 -16.68 -23.50 10.30
CA ALA A 168 -16.94 -22.38 9.40
C ALA A 168 -15.75 -22.03 8.52
N LEU A 169 -14.59 -22.61 8.82
CA LEU A 169 -13.38 -22.34 8.05
C LEU A 169 -13.26 -23.35 6.89
N VAL A 170 -12.50 -22.98 5.86
CA VAL A 170 -12.26 -23.83 4.70
C VAL A 170 -10.76 -24.05 4.52
N LYS A 171 -10.39 -25.14 3.86
CA LYS A 171 -8.97 -25.45 3.64
C LYS A 171 -8.29 -24.57 2.61
N ASN A 172 -9.02 -24.15 1.58
CA ASN A 172 -8.45 -23.30 0.55
C ASN A 172 -9.50 -22.44 -0.11
N SER A 173 -9.05 -21.47 -0.91
CA SER A 173 -9.95 -20.55 -1.60
C SER A 173 -11.04 -21.20 -2.44
N ASP A 174 -10.69 -22.22 -3.21
CA ASP A 174 -11.67 -22.89 -4.06
C ASP A 174 -12.77 -23.55 -3.25
N GLU A 175 -12.41 -24.18 -2.14
CA GLU A 175 -13.42 -24.81 -1.31
C GLU A 175 -14.34 -23.71 -0.77
N GLY A 176 -13.77 -22.56 -0.44
CA GLY A 176 -14.57 -21.46 0.07
C GLY A 176 -15.52 -20.91 -0.98
N ILE A 177 -15.02 -20.74 -2.21
CA ILE A 177 -15.85 -20.21 -3.28
C ILE A 177 -17.00 -21.17 -3.59
N GLN A 178 -16.73 -22.46 -3.65
CA GLN A 178 -17.79 -23.41 -3.92
C GLN A 178 -18.79 -23.40 -2.77
N ARG A 179 -18.30 -23.20 -1.57
CA ARG A 179 -19.18 -23.18 -0.42
C ARG A 179 -20.10 -21.98 -0.49
N VAL A 180 -19.58 -20.87 -1.01
CA VAL A 180 -20.38 -19.65 -1.15
C VAL A 180 -21.43 -19.83 -2.23
N LEU A 181 -21.05 -20.47 -3.34
CA LEU A 181 -21.96 -20.70 -4.45
C LEU A 181 -23.06 -21.72 -4.15
N THR A 182 -22.80 -22.63 -3.23
CA THR A 182 -23.76 -23.68 -2.94
C THR A 182 -24.65 -23.52 -1.71
N THR A 183 -24.09 -22.99 -0.63
CA THR A 183 -24.85 -22.83 0.60
C THR A 183 -24.95 -21.37 1.00
N ASP A 184 -25.54 -21.12 2.16
CA ASP A 184 -25.67 -19.75 2.65
C ASP A 184 -24.43 -19.46 3.47
N TYR A 185 -23.35 -19.16 2.76
CA TYR A 185 -22.06 -18.93 3.38
C TYR A 185 -21.33 -17.73 2.78
N ALA A 186 -20.67 -16.96 3.63
CA ALA A 186 -19.90 -15.80 3.18
C ALA A 186 -18.43 -16.08 3.47
N LEU A 187 -17.55 -15.68 2.55
CA LEU A 187 -16.13 -15.93 2.73
C LEU A 187 -15.30 -14.66 2.91
N LEU A 188 -14.57 -14.56 4.02
CA LEU A 188 -13.69 -13.42 4.27
C LEU A 188 -12.49 -13.76 3.39
N MET A 189 -12.19 -12.88 2.45
CA MET A 189 -11.13 -13.14 1.49
C MET A 189 -10.42 -11.84 1.06
N GLU A 190 -9.18 -11.96 0.59
CA GLU A 190 -8.44 -10.80 0.15
C GLU A 190 -9.06 -10.17 -1.10
N SER A 191 -9.24 -8.86 -1.06
CA SER A 191 -9.87 -8.12 -2.14
C SER A 191 -9.38 -8.45 -3.55
N THR A 192 -8.08 -8.60 -3.73
CA THR A 192 -7.54 -8.92 -5.04
C THR A 192 -8.13 -10.22 -5.56
N SER A 193 -8.34 -11.19 -4.67
CA SER A 193 -8.90 -12.46 -5.08
C SER A 193 -10.39 -12.35 -5.35
N ILE A 194 -11.07 -11.51 -4.58
CA ILE A 194 -12.50 -11.34 -4.79
C ILE A 194 -12.75 -10.72 -6.18
N GLU A 195 -11.93 -9.74 -6.55
CA GLU A 195 -12.06 -9.10 -7.86
C GLU A 195 -11.95 -10.16 -8.94
N TYR A 196 -10.93 -11.01 -8.82
CA TYR A 196 -10.71 -12.06 -9.78
C TYR A 196 -11.95 -12.95 -9.91
N VAL A 197 -12.47 -13.41 -8.77
CA VAL A 197 -13.63 -14.28 -8.76
C VAL A 197 -14.92 -13.63 -9.26
N THR A 198 -15.25 -12.45 -8.73
CA THR A 198 -16.49 -11.80 -9.16
C THR A 198 -16.52 -11.47 -10.65
N GLN A 199 -15.35 -11.38 -11.26
CA GLN A 199 -15.24 -11.08 -12.69
C GLN A 199 -15.50 -12.33 -13.52
N ARG A 200 -15.52 -13.50 -12.87
CA ARG A 200 -15.73 -14.75 -13.57
C ARG A 200 -16.98 -15.48 -13.10
N ASN A 201 -17.70 -14.86 -12.18
CA ASN A 201 -18.91 -15.48 -11.68
C ASN A 201 -19.87 -14.36 -11.30
N CYS A 202 -20.81 -14.09 -12.20
CA CYS A 202 -21.78 -13.02 -12.01
C CYS A 202 -22.69 -13.21 -10.81
N ASN A 203 -22.68 -14.41 -10.25
CA ASN A 203 -23.51 -14.68 -9.09
C ASN A 203 -22.90 -14.14 -7.82
N LEU A 204 -21.58 -13.96 -7.82
CA LEU A 204 -20.88 -13.48 -6.64
C LEU A 204 -20.56 -12.00 -6.72
N THR A 205 -20.30 -11.41 -5.55
CA THR A 205 -19.96 -10.00 -5.49
C THR A 205 -19.25 -9.71 -4.18
N GLN A 206 -18.60 -8.54 -4.10
CA GLN A 206 -17.92 -8.13 -2.89
C GLN A 206 -18.92 -7.44 -1.98
N ILE A 207 -18.84 -7.70 -0.69
CA ILE A 207 -19.73 -7.07 0.25
C ILE A 207 -18.95 -6.04 1.07
N GLY A 208 -19.42 -4.80 1.05
CA GLY A 208 -18.75 -3.75 1.80
C GLY A 208 -17.39 -3.46 1.18
N GLY A 209 -16.55 -2.75 1.93
CA GLY A 209 -15.24 -2.42 1.43
C GLY A 209 -14.16 -3.23 2.12
N LEU A 210 -12.97 -2.65 2.24
CA LEU A 210 -11.86 -3.33 2.88
C LEU A 210 -11.90 -3.05 4.38
N ILE A 211 -11.58 -4.05 5.18
CA ILE A 211 -11.58 -3.83 6.62
C ILE A 211 -10.16 -3.70 7.16
N ASP A 212 -9.21 -3.55 6.25
CA ASP A 212 -7.80 -3.38 6.62
C ASP A 212 -7.00 -3.18 5.34
N SER A 213 -5.75 -2.72 5.47
CA SER A 213 -4.92 -2.47 4.29
C SER A 213 -3.64 -3.30 4.32
N LYS A 214 -3.49 -4.20 3.35
CA LYS A 214 -2.32 -5.08 3.26
C LYS A 214 -1.66 -5.02 1.90
N GLY A 215 -0.52 -5.68 1.79
CA GLY A 215 0.18 -5.70 0.53
C GLY A 215 0.87 -7.03 0.30
N TYR A 216 1.17 -7.34 -0.96
CA TYR A 216 1.88 -8.55 -1.31
C TYR A 216 3.28 -8.09 -1.64
N GLY A 217 4.27 -8.83 -1.17
CA GLY A 217 5.63 -8.44 -1.46
C GLY A 217 6.46 -9.64 -1.83
N VAL A 218 7.60 -9.38 -2.45
CA VAL A 218 8.50 -10.45 -2.81
C VAL A 218 9.29 -10.76 -1.55
N GLY A 219 9.37 -12.04 -1.20
CA GLY A 219 10.09 -12.43 -0.01
C GLY A 219 11.54 -12.79 -0.24
N THR A 220 12.39 -12.43 0.70
CA THR A 220 13.80 -12.76 0.60
C THR A 220 14.27 -13.10 2.01
N PRO A 221 15.38 -13.85 2.13
CA PRO A 221 15.91 -14.21 3.44
C PRO A 221 16.36 -12.94 4.15
N ILE A 222 16.39 -12.97 5.47
CA ILE A 222 16.85 -11.80 6.19
C ILE A 222 18.31 -11.52 5.83
N GLY A 223 18.62 -10.23 5.63
CA GLY A 223 19.98 -9.86 5.29
C GLY A 223 20.30 -10.02 3.82
N SER A 224 19.30 -10.34 3.02
CA SER A 224 19.48 -10.54 1.59
C SER A 224 19.84 -9.25 0.85
N PRO A 225 20.85 -9.33 -0.03
CA PRO A 225 21.29 -8.17 -0.80
C PRO A 225 20.32 -7.76 -1.91
N TYR A 226 19.37 -8.65 -2.24
CA TYR A 226 18.39 -8.35 -3.29
C TYR A 226 17.17 -7.58 -2.81
N ARG A 227 16.83 -7.72 -1.54
CA ARG A 227 15.67 -7.04 -0.97
C ARG A 227 15.50 -5.61 -1.49
N ASP A 228 16.52 -4.77 -1.26
CA ASP A 228 16.45 -3.39 -1.71
C ASP A 228 16.45 -3.22 -3.23
N LYS A 229 17.22 -4.02 -3.94
CA LYS A 229 17.26 -3.91 -5.38
C LYS A 229 15.89 -4.22 -5.97
N ILE A 230 15.21 -5.21 -5.38
CA ILE A 230 13.88 -5.60 -5.83
C ILE A 230 12.85 -4.52 -5.51
N THR A 231 12.95 -3.95 -4.31
CA THR A 231 12.05 -2.88 -3.90
C THR A 231 12.11 -1.74 -4.90
N ILE A 232 13.32 -1.32 -5.21
CA ILE A 232 13.53 -0.24 -6.15
C ILE A 232 12.98 -0.57 -7.54
N ALA A 233 13.15 -1.82 -7.96
CA ALA A 233 12.64 -2.22 -9.26
C ALA A 233 11.11 -2.22 -9.27
N ILE A 234 10.51 -2.62 -8.16
CA ILE A 234 9.06 -2.63 -8.05
C ILE A 234 8.51 -1.21 -8.18
N LEU A 235 9.13 -0.28 -7.46
CA LEU A 235 8.71 1.11 -7.50
C LEU A 235 8.80 1.64 -8.92
N GLN A 236 9.86 1.24 -9.62
CA GLN A 236 10.06 1.64 -11.01
C GLN A 236 8.92 1.10 -11.87
N LEU A 237 8.62 -0.18 -11.74
CA LEU A 237 7.55 -0.80 -12.51
C LEU A 237 6.20 -0.19 -12.19
N GLN A 238 6.00 0.23 -10.94
CA GLN A 238 4.75 0.82 -10.55
C GLN A 238 4.62 2.18 -11.22
N GLU A 239 5.67 2.99 -11.07
CA GLU A 239 5.69 4.34 -11.63
C GLU A 239 5.50 4.44 -13.15
N GLU A 240 5.82 3.38 -13.87
CA GLU A 240 5.65 3.45 -15.32
C GLU A 240 4.41 2.68 -15.82
N GLY A 241 3.54 2.32 -14.90
CA GLY A 241 2.31 1.63 -15.25
C GLY A 241 2.37 0.15 -15.58
N LYS A 242 3.52 -0.48 -15.41
CA LYS A 242 3.61 -1.90 -15.73
C LYS A 242 2.87 -2.80 -14.75
N LEU A 243 2.89 -2.48 -13.47
CA LEU A 243 2.18 -3.31 -12.50
C LEU A 243 0.68 -3.27 -12.79
N HIS A 244 0.20 -2.08 -13.09
CA HIS A 244 -1.22 -1.88 -13.38
C HIS A 244 -1.58 -2.63 -14.66
N MET A 245 -0.70 -2.55 -15.64
CA MET A 245 -0.88 -3.22 -16.92
C MET A 245 -0.96 -4.73 -16.72
N MET A 246 -0.05 -5.27 -15.91
CA MET A 246 -0.03 -6.70 -15.63
C MET A 246 -1.29 -7.14 -14.93
N LYS A 247 -1.76 -6.34 -13.98
CA LYS A 247 -2.97 -6.72 -13.26
C LYS A 247 -4.13 -6.81 -14.24
N GLU A 248 -4.26 -5.83 -15.10
CA GLU A 248 -5.34 -5.83 -16.08
C GLU A 248 -5.28 -7.06 -17.00
N LYS A 249 -4.07 -7.44 -17.40
CA LYS A 249 -3.89 -8.60 -18.26
C LYS A 249 -4.44 -9.88 -17.65
N TRP A 250 -4.11 -10.16 -16.39
CA TRP A 250 -4.57 -11.38 -15.73
C TRP A 250 -5.90 -11.33 -15.00
N TRP A 251 -6.39 -10.13 -14.73
CA TRP A 251 -7.67 -10.01 -14.04
C TRP A 251 -8.85 -9.85 -15.00
N ARG B 4 19.56 7.10 23.63
CA ARG B 4 19.85 8.38 22.92
C ARG B 4 18.57 8.90 22.27
N THR B 5 18.38 10.22 22.29
CA THR B 5 17.20 10.82 21.70
C THR B 5 17.38 10.90 20.19
N LEU B 6 16.37 10.43 19.45
CA LEU B 6 16.45 10.46 18.00
C LEU B 6 15.97 11.81 17.48
N ILE B 7 16.66 12.33 16.45
CA ILE B 7 16.23 13.59 15.86
C ILE B 7 15.26 13.23 14.74
N VAL B 8 14.04 13.76 14.84
CA VAL B 8 13.03 13.48 13.83
C VAL B 8 12.81 14.72 12.97
N THR B 9 13.15 14.62 11.69
CA THR B 9 12.96 15.75 10.79
C THR B 9 11.56 15.66 10.22
N THR B 10 10.87 16.79 10.18
CA THR B 10 9.51 16.79 9.65
C THR B 10 9.19 18.12 8.99
N ILE B 11 7.97 18.24 8.48
CA ILE B 11 7.55 19.44 7.81
C ILE B 11 6.10 19.69 8.15
N LEU B 12 5.66 20.94 8.11
CA LEU B 12 4.27 21.29 8.42
C LEU B 12 3.33 20.98 7.27
N GLU B 13 2.28 20.21 7.55
CA GLU B 13 1.32 19.84 6.52
C GLU B 13 0.06 19.28 7.18
N GLU B 14 -1.08 19.92 6.95
CA GLU B 14 -2.34 19.42 7.52
C GLU B 14 -2.73 18.08 6.90
N PRO B 15 -3.14 17.11 7.72
CA PRO B 15 -3.26 17.19 9.19
C PRO B 15 -2.16 16.32 9.80
N TYR B 16 -1.06 16.17 9.07
CA TYR B 16 0.06 15.35 9.52
C TYR B 16 0.86 15.99 10.63
N VAL B 17 1.32 17.22 10.40
CA VAL B 17 2.10 17.95 11.39
C VAL B 17 1.60 19.38 11.41
N MET B 18 1.08 19.82 12.55
CA MET B 18 0.56 21.18 12.66
C MET B 18 0.92 21.80 14.00
N TYR B 19 0.93 23.13 14.03
CA TYR B 19 1.22 23.86 15.26
C TYR B 19 -0.02 23.78 16.14
N ARG B 20 0.15 23.41 17.40
CA ARG B 20 -0.98 23.34 18.32
C ARG B 20 -1.53 24.74 18.55
N LYS B 21 -2.74 24.82 19.10
CA LYS B 21 -3.36 26.11 19.40
C LYS B 21 -3.18 26.35 20.88
N SER B 22 -2.54 27.46 21.24
CA SER B 22 -2.32 27.77 22.65
C SER B 22 -2.17 29.27 22.89
N ASP B 23 -2.60 29.70 24.08
CA ASP B 23 -2.54 31.09 24.49
C ASP B 23 -1.12 31.62 24.67
N LYS B 24 -0.22 30.74 25.06
CA LYS B 24 1.17 31.15 25.29
C LYS B 24 2.13 30.43 24.35
N PRO B 25 3.37 30.91 24.26
CA PRO B 25 4.38 30.30 23.39
C PRO B 25 4.63 28.82 23.73
N LEU B 26 4.73 28.00 22.69
CA LEU B 26 4.98 26.57 22.88
C LEU B 26 6.44 26.25 22.60
N TYR B 27 6.95 25.19 23.22
CA TYR B 27 8.33 24.78 23.03
C TYR B 27 8.44 23.29 22.76
N GLY B 28 9.54 22.88 22.13
CA GLY B 28 9.77 21.48 21.84
C GLY B 28 8.69 20.75 21.07
N ASN B 29 8.52 19.45 21.35
CA ASN B 29 7.53 18.62 20.66
C ASN B 29 6.13 19.08 20.98
N ASP B 30 6.03 19.85 22.05
CA ASP B 30 4.74 20.37 22.49
C ASP B 30 4.18 21.37 21.49
N ARG B 31 5.00 21.80 20.54
CA ARG B 31 4.59 22.77 19.53
C ARG B 31 3.70 22.15 18.48
N PHE B 32 3.83 20.84 18.30
CA PHE B 32 3.07 20.18 17.25
C PHE B 32 2.03 19.14 17.66
N GLU B 33 1.14 18.86 16.73
CA GLU B 33 0.09 17.88 16.90
C GLU B 33 -0.27 17.39 15.50
N GLY B 34 -0.94 16.24 15.44
CA GLY B 34 -1.31 15.72 14.14
C GLY B 34 -1.12 14.22 14.04
N TYR B 35 -1.52 13.68 12.90
CA TYR B 35 -1.41 12.26 12.66
C TYR B 35 0.02 11.75 12.83
N CYS B 36 0.98 12.47 12.28
CA CYS B 36 2.37 12.04 12.37
C CYS B 36 2.95 12.11 13.79
N LEU B 37 2.48 13.04 14.60
CA LEU B 37 2.94 13.11 15.98
C LEU B 37 2.32 11.91 16.72
N ASP B 38 1.09 11.57 16.37
CA ASP B 38 0.42 10.43 16.98
C ASP B 38 1.13 9.13 16.57
N LEU B 39 1.47 9.04 15.30
CA LEU B 39 2.17 7.86 14.81
C LEU B 39 3.50 7.75 15.54
N LEU B 40 4.21 8.86 15.56
CA LEU B 40 5.52 8.94 16.18
C LEU B 40 5.52 8.48 17.63
N LYS B 41 4.54 8.91 18.41
CA LYS B 41 4.53 8.51 19.80
C LYS B 41 4.13 7.03 19.93
N GLU B 42 3.39 6.50 18.96
CA GLU B 42 3.04 5.09 19.01
C GLU B 42 4.30 4.26 18.73
N LEU B 43 5.06 4.69 17.73
CA LEU B 43 6.29 4.00 17.38
C LEU B 43 7.29 4.08 18.53
N SER B 44 7.34 5.24 19.18
CA SER B 44 8.29 5.41 20.29
C SER B 44 7.92 4.52 21.47
N ASN B 45 6.63 4.24 21.67
CA ASN B 45 6.24 3.39 22.77
C ASN B 45 6.66 1.96 22.48
N ILE B 46 6.37 1.51 21.26
CA ILE B 46 6.70 0.16 20.82
C ILE B 46 8.21 -0.10 20.78
N LEU B 47 8.96 0.79 20.16
CA LEU B 47 10.41 0.63 20.06
C LEU B 47 11.17 1.14 21.28
N GLY B 48 10.53 2.02 22.06
CA GLY B 48 11.16 2.56 23.24
C GLY B 48 12.26 3.59 23.05
N PHE B 49 11.96 4.69 22.38
CA PHE B 49 12.98 5.71 22.19
C PHE B 49 12.42 7.10 22.45
N LEU B 50 13.31 8.06 22.70
CA LEU B 50 12.92 9.43 22.93
C LEU B 50 13.20 10.15 21.63
N TYR B 51 12.58 11.30 21.43
CA TYR B 51 12.81 12.01 20.17
C TYR B 51 12.56 13.52 20.25
N ASP B 52 13.28 14.25 19.40
CA ASP B 52 13.12 15.71 19.31
C ASP B 52 12.63 15.98 17.90
N VAL B 53 11.42 16.50 17.78
CA VAL B 53 10.90 16.82 16.46
C VAL B 53 11.58 18.12 16.05
N LYS B 54 12.06 18.16 14.81
CA LYS B 54 12.73 19.34 14.30
C LYS B 54 12.31 19.59 12.86
N LEU B 55 11.74 20.78 12.62
CA LEU B 55 11.29 21.12 11.28
C LEU B 55 12.47 21.25 10.35
N VAL B 56 12.34 20.68 9.16
CA VAL B 56 13.42 20.74 8.19
C VAL B 56 13.69 22.21 7.88
N PRO B 57 14.95 22.65 8.07
CA PRO B 57 15.36 24.03 7.84
C PRO B 57 14.88 24.68 6.55
N ASP B 58 15.07 24.02 5.40
CA ASP B 58 14.62 24.65 4.15
C ASP B 58 13.13 24.43 3.80
N GLY B 59 12.42 23.69 4.63
CA GLY B 59 11.00 23.46 4.39
C GLY B 59 10.61 22.72 3.13
N LYS B 60 11.49 21.85 2.66
CA LYS B 60 11.20 21.06 1.45
C LYS B 60 11.23 19.57 1.77
N TYR B 61 10.45 18.77 1.04
CA TYR B 61 10.42 17.33 1.28
C TYR B 61 11.70 16.66 0.81
N GLY B 62 12.10 16.95 -0.41
CA GLY B 62 13.31 16.34 -0.92
C GLY B 62 13.25 15.97 -2.40
N ALA B 63 14.00 16.73 -3.19
CA ALA B 63 14.09 16.50 -4.63
C ALA B 63 15.56 16.75 -4.97
N GLN B 64 15.98 16.36 -6.16
CA GLN B 64 17.37 16.58 -6.51
C GLN B 64 17.50 17.59 -7.64
N ASN B 65 18.49 18.46 -7.55
CA ASN B 65 18.70 19.46 -8.59
C ASN B 65 19.40 18.85 -9.80
N ASP B 66 19.67 19.69 -10.79
CA ASP B 66 20.31 19.25 -12.03
C ASP B 66 21.67 18.61 -11.80
N LYS B 67 22.36 19.01 -10.73
CA LYS B 67 23.67 18.44 -10.43
C LYS B 67 23.57 17.17 -9.61
N GLY B 68 22.35 16.76 -9.28
CA GLY B 68 22.14 15.55 -8.51
C GLY B 68 22.20 15.74 -7.01
N GLU B 69 22.01 16.98 -6.58
CA GLU B 69 22.04 17.34 -5.16
C GLU B 69 20.65 17.24 -4.55
N TRP B 70 20.56 16.68 -3.35
CA TRP B 70 19.28 16.58 -2.68
C TRP B 70 19.08 17.70 -1.67
N ASN B 71 17.82 18.03 -1.43
CA ASN B 71 17.47 19.06 -0.45
C ASN B 71 16.45 18.49 0.54
N GLY B 72 15.89 19.35 1.38
CA GLY B 72 14.87 18.93 2.33
C GLY B 72 15.14 17.75 3.25
N MET B 73 14.04 17.13 3.68
CA MET B 73 14.12 15.99 4.60
C MET B 73 15.01 14.88 4.06
N VAL B 74 14.92 14.60 2.76
CA VAL B 74 15.75 13.57 2.18
C VAL B 74 17.21 13.90 2.43
N LYS B 75 17.57 15.15 2.23
CA LYS B 75 18.95 15.57 2.44
C LYS B 75 19.34 15.48 3.92
N GLU B 76 18.40 15.81 4.81
CA GLU B 76 18.69 15.74 6.23
C GLU B 76 19.08 14.31 6.58
N LEU B 77 18.36 13.34 6.04
CA LEU B 77 18.65 11.94 6.32
C LEU B 77 19.99 11.54 5.69
N ILE B 78 20.22 11.95 4.45
CA ILE B 78 21.45 11.58 3.78
C ILE B 78 22.70 12.06 4.53
N ASP B 79 22.65 13.27 5.10
CA ASP B 79 23.80 13.79 5.84
C ASP B 79 23.80 13.40 7.31
N HIS B 80 22.87 12.53 7.69
CA HIS B 80 22.77 12.08 9.07
C HIS B 80 22.50 13.20 10.06
N ARG B 81 21.70 14.19 9.65
CA ARG B 81 21.33 15.28 10.55
C ARG B 81 20.02 14.91 11.25
N ALA B 82 19.43 13.80 10.83
CA ALA B 82 18.19 13.32 11.42
C ALA B 82 18.21 11.81 11.33
N ASP B 83 17.55 11.16 12.28
CA ASP B 83 17.49 9.70 12.33
C ASP B 83 16.25 9.22 11.58
N LEU B 84 15.16 9.97 11.69
CA LEU B 84 13.91 9.61 11.04
C LEU B 84 13.27 10.79 10.35
N ALA B 85 12.42 10.48 9.38
CA ALA B 85 11.67 11.47 8.65
C ALA B 85 10.23 10.99 8.74
N VAL B 86 9.40 11.74 9.44
CA VAL B 86 8.00 11.37 9.61
C VAL B 86 7.12 12.46 9.03
N ALA B 87 6.53 12.17 7.88
CA ALA B 87 5.68 13.13 7.19
C ALA B 87 5.08 12.45 5.98
N PRO B 88 4.16 13.12 5.29
CA PRO B 88 3.57 12.48 4.11
C PRO B 88 4.63 12.44 3.01
N LEU B 89 5.72 11.74 3.29
CA LEU B 89 6.83 11.60 2.35
C LEU B 89 6.62 10.39 1.44
N THR B 90 6.18 10.66 0.22
CA THR B 90 5.92 9.61 -0.75
C THR B 90 7.12 8.71 -1.07
N ILE B 91 6.87 7.41 -1.01
CA ILE B 91 7.89 6.42 -1.32
C ILE B 91 8.03 6.39 -2.84
N THR B 92 9.13 6.92 -3.34
CA THR B 92 9.34 6.93 -4.77
C THR B 92 10.65 6.25 -5.17
N TYR B 93 10.71 5.87 -6.44
CA TYR B 93 11.87 5.22 -7.00
C TYR B 93 13.12 6.04 -6.76
N VAL B 94 13.06 7.31 -7.16
CA VAL B 94 14.21 8.19 -7.03
C VAL B 94 14.65 8.42 -5.59
N ARG B 95 13.72 8.48 -4.65
CA ARG B 95 14.07 8.68 -3.25
C ARG B 95 14.58 7.42 -2.55
N GLU B 96 13.94 6.28 -2.84
CA GLU B 96 14.33 5.03 -2.23
C GLU B 96 15.77 4.61 -2.55
N LYS B 97 16.34 5.23 -3.57
CA LYS B 97 17.73 4.90 -3.94
C LYS B 97 18.71 5.60 -3.01
N VAL B 98 18.31 6.72 -2.41
CA VAL B 98 19.22 7.44 -1.51
C VAL B 98 18.93 7.35 -0.02
N ILE B 99 17.78 6.83 0.35
CA ILE B 99 17.44 6.67 1.77
C ILE B 99 16.64 5.39 1.94
N ASP B 100 16.57 4.88 3.15
CA ASP B 100 15.78 3.66 3.39
C ASP B 100 14.42 4.02 3.93
N PHE B 101 13.39 3.44 3.33
CA PHE B 101 12.01 3.69 3.74
C PHE B 101 11.46 2.50 4.49
N SER B 102 10.56 2.77 5.43
CA SER B 102 9.93 1.70 6.18
C SER B 102 8.80 1.27 5.27
N LYS B 103 8.09 0.20 5.62
CA LYS B 103 6.96 -0.21 4.80
C LYS B 103 5.96 0.95 4.93
N PRO B 104 5.11 1.14 3.93
CA PRO B 104 4.15 2.23 4.01
C PRO B 104 3.21 2.16 5.21
N PHE B 105 2.91 3.32 5.81
CA PHE B 105 2.00 3.36 6.94
C PHE B 105 0.66 3.90 6.49
N MET B 106 0.60 4.26 5.21
CA MET B 106 -0.60 4.79 4.59
C MET B 106 -0.44 4.61 3.08
N THR B 107 -1.45 4.07 2.43
CA THR B 107 -1.37 3.89 0.99
C THR B 107 -2.32 4.87 0.35
N LEU B 108 -1.97 5.32 -0.84
CA LEU B 108 -2.77 6.29 -1.55
C LEU B 108 -2.47 6.29 -3.04
N GLY B 109 -2.98 7.30 -3.73
CA GLY B 109 -2.74 7.39 -5.15
C GLY B 109 -2.92 8.80 -5.64
N ILE B 110 -2.52 9.04 -6.89
CA ILE B 110 -2.68 10.34 -7.48
C ILE B 110 -4.10 10.42 -8.01
N SER B 111 -4.80 11.49 -7.69
CA SER B 111 -6.16 11.64 -8.18
C SER B 111 -6.44 13.10 -8.55
N ILE B 112 -7.69 13.42 -8.82
CA ILE B 112 -8.05 14.78 -9.24
C ILE B 112 -9.00 15.53 -8.32
N LEU B 113 -8.59 16.72 -7.90
CA LEU B 113 -9.43 17.57 -7.06
C LEU B 113 -10.02 18.62 -7.99
N TYR B 114 -11.34 18.70 -8.04
CA TYR B 114 -12.02 19.66 -8.91
C TYR B 114 -13.30 20.04 -8.20
N ARG B 115 -14.09 20.94 -8.77
CA ARG B 115 -15.32 21.31 -8.11
C ARG B 115 -16.46 20.38 -8.51
N LYS B 116 -17.51 20.35 -7.69
CA LYS B 116 -18.67 19.50 -7.93
C LYS B 116 -19.56 19.95 -9.09
N GLY B 117 -20.42 19.03 -9.52
CA GLY B 117 -21.37 19.32 -10.59
C GLY B 117 -20.84 19.58 -11.99
N THR B 118 -19.76 18.92 -12.38
CA THR B 118 -19.23 19.12 -13.72
C THR B 118 -19.20 17.80 -14.48
N PRO B 119 -19.19 17.86 -15.81
CA PRO B 119 -19.16 16.67 -16.67
C PRO B 119 -17.85 15.90 -16.64
N ILE B 120 -16.78 16.54 -16.17
CA ILE B 120 -15.46 15.90 -16.10
C ILE B 120 -15.51 14.69 -15.16
N ASP B 121 -14.93 13.58 -15.60
CA ASP B 121 -14.96 12.39 -14.76
C ASP B 121 -13.69 11.54 -14.78
N SER B 122 -12.68 11.97 -15.51
CA SER B 122 -11.45 11.20 -15.57
C SER B 122 -10.27 12.03 -16.04
N ALA B 123 -9.06 11.52 -15.82
CA ALA B 123 -7.85 12.21 -16.22
C ALA B 123 -7.86 12.32 -17.72
N ASP B 124 -8.56 11.40 -18.37
CA ASP B 124 -8.63 11.39 -19.82
C ASP B 124 -9.49 12.55 -20.30
N ASP B 125 -10.60 12.81 -19.60
CA ASP B 125 -11.47 13.92 -19.97
C ASP B 125 -10.69 15.22 -19.97
N LEU B 126 -9.80 15.37 -19.00
CA LEU B 126 -8.98 16.56 -18.89
C LEU B 126 -7.95 16.65 -20.00
N ALA B 127 -7.31 15.52 -20.29
CA ALA B 127 -6.28 15.45 -21.31
C ALA B 127 -6.76 15.84 -22.70
N LYS B 128 -8.02 15.53 -23.02
CA LYS B 128 -8.59 15.83 -24.34
C LYS B 128 -8.95 17.29 -24.59
N GLN B 129 -8.87 18.15 -23.58
CA GLN B 129 -9.26 19.53 -23.79
C GLN B 129 -8.28 20.55 -23.24
N THR B 130 -8.62 21.83 -23.39
CA THR B 130 -7.76 22.91 -22.90
C THR B 130 -8.53 24.04 -22.23
N LYS B 131 -9.85 23.94 -22.20
CA LYS B 131 -10.64 24.99 -21.55
C LYS B 131 -10.30 24.95 -20.07
N ILE B 132 -10.44 23.76 -19.48
CA ILE B 132 -10.13 23.58 -18.07
C ILE B 132 -8.64 23.39 -17.87
N GLU B 133 -8.04 24.28 -17.09
CA GLU B 133 -6.63 24.21 -16.82
C GLU B 133 -6.39 23.21 -15.67
N TYR B 134 -5.24 22.55 -15.67
CA TYR B 134 -4.94 21.60 -14.60
C TYR B 134 -3.45 21.48 -14.37
N GLY B 135 -3.07 21.14 -13.15
CA GLY B 135 -1.65 21.01 -12.83
C GLY B 135 -1.41 20.36 -11.48
N ALA B 136 -0.21 20.54 -10.96
CA ALA B 136 0.14 19.95 -9.67
C ALA B 136 1.18 20.81 -8.96
N VAL B 137 1.55 20.39 -7.76
CA VAL B 137 2.54 21.13 -7.01
C VAL B 137 3.87 20.94 -7.71
N ARG B 138 4.52 22.05 -8.04
CA ARG B 138 5.80 22.00 -8.74
C ARG B 138 6.88 21.27 -7.93
N ASP B 139 7.51 20.31 -8.59
CA ASP B 139 8.58 19.50 -8.00
C ASP B 139 8.14 18.46 -6.97
N GLY B 140 6.83 18.28 -6.81
CA GLY B 140 6.34 17.27 -5.89
C GLY B 140 6.38 15.92 -6.60
N SER B 141 6.13 14.84 -5.86
CA SER B 141 6.16 13.52 -6.45
C SER B 141 5.12 13.36 -7.55
N THR B 142 3.98 14.03 -7.40
CA THR B 142 2.94 13.94 -8.41
C THR B 142 3.41 14.51 -9.74
N MET B 143 4.00 15.70 -9.70
CA MET B 143 4.49 16.32 -10.93
C MET B 143 5.51 15.39 -11.58
N THR B 144 6.45 14.90 -10.77
CA THR B 144 7.48 14.01 -11.29
C THR B 144 6.87 12.82 -12.00
N PHE B 145 5.79 12.28 -11.43
CA PHE B 145 5.13 11.15 -12.05
C PHE B 145 4.76 11.47 -13.50
N PHE B 146 4.09 12.60 -13.70
CA PHE B 146 3.66 13.00 -15.03
C PHE B 146 4.84 13.32 -15.91
N LYS B 147 5.90 13.86 -15.32
CA LYS B 147 7.07 14.22 -16.09
C LYS B 147 7.77 13.00 -16.69
N LYS B 148 7.86 11.92 -15.92
CA LYS B 148 8.54 10.71 -16.37
C LYS B 148 7.68 9.69 -17.08
N SER B 149 6.36 9.82 -16.97
CA SER B 149 5.47 8.86 -17.61
C SER B 149 5.60 8.79 -19.12
N LYS B 150 5.33 7.61 -19.68
CA LYS B 150 5.39 7.42 -21.12
C LYS B 150 4.02 6.95 -21.60
N ILE B 151 3.05 6.99 -20.70
CA ILE B 151 1.69 6.63 -21.04
C ILE B 151 1.21 7.83 -21.83
N SER B 152 0.65 7.60 -23.02
CA SER B 152 0.17 8.68 -23.87
C SER B 152 -0.63 9.77 -23.13
N THR B 153 -1.74 9.38 -22.51
CA THR B 153 -2.58 10.32 -21.79
C THR B 153 -1.83 11.18 -20.79
N TYR B 154 -0.88 10.57 -20.09
CA TYR B 154 -0.10 11.30 -19.11
C TYR B 154 1.00 12.12 -19.77
N GLU B 155 1.47 11.67 -20.92
CA GLU B 155 2.49 12.39 -21.67
C GLU B 155 1.86 13.68 -22.16
N LYS B 156 0.61 13.57 -22.61
CA LYS B 156 -0.12 14.72 -23.11
C LYS B 156 -0.39 15.73 -22.00
N MET B 157 -0.81 15.23 -20.84
CA MET B 157 -1.09 16.11 -19.71
C MET B 157 0.18 16.81 -19.23
N TRP B 158 1.31 16.12 -19.30
CA TRP B 158 2.57 16.74 -18.89
C TRP B 158 2.91 17.82 -19.90
N ALA B 159 2.65 17.57 -21.17
CA ALA B 159 2.91 18.54 -22.21
C ALA B 159 2.18 19.85 -21.87
N PHE B 160 0.93 19.72 -21.45
CA PHE B 160 0.14 20.89 -21.09
C PHE B 160 0.60 21.56 -19.79
N MET B 161 0.86 20.76 -18.76
CA MET B 161 1.29 21.28 -17.47
C MET B 161 2.58 22.07 -17.56
N SER B 162 3.54 21.54 -18.31
CA SER B 162 4.85 22.18 -18.44
C SER B 162 4.91 23.33 -19.44
N SER B 163 3.88 23.48 -20.26
CA SER B 163 3.86 24.54 -21.26
C SER B 163 3.71 25.89 -20.59
N ARG B 164 3.93 26.95 -21.37
CA ARG B 164 3.79 28.32 -20.89
C ARG B 164 4.50 28.57 -19.56
N GLN B 165 5.75 28.11 -19.46
CA GLN B 165 6.53 28.31 -18.23
C GLN B 165 5.93 27.64 -17.01
N GLN B 166 5.20 26.55 -17.22
CA GLN B 166 4.60 25.83 -16.11
C GLN B 166 3.60 26.69 -15.36
N SER B 167 2.88 27.56 -16.07
CA SER B 167 1.91 28.41 -15.39
C SER B 167 0.78 27.60 -14.76
N ALA B 168 0.58 26.38 -15.24
CA ALA B 168 -0.47 25.51 -14.72
C ALA B 168 -0.10 24.86 -13.39
N LEU B 169 1.16 24.96 -13.00
CA LEU B 169 1.60 24.36 -11.74
C LEU B 169 1.48 25.38 -10.59
N VAL B 170 1.41 24.88 -9.36
CA VAL B 170 1.29 25.72 -8.16
C VAL B 170 2.45 25.42 -7.22
N LYS B 171 2.78 26.36 -6.36
CA LYS B 171 3.89 26.18 -5.41
C LYS B 171 3.58 25.21 -4.27
N ASN B 172 2.33 25.18 -3.82
CA ASN B 172 1.96 24.31 -2.72
C ASN B 172 0.47 23.94 -2.77
N SER B 173 0.09 22.95 -1.97
CA SER B 173 -1.29 22.48 -1.92
C SER B 173 -2.34 23.55 -1.71
N ASP B 174 -2.11 24.47 -0.76
CA ASP B 174 -3.08 25.52 -0.49
C ASP B 174 -3.30 26.42 -1.68
N GLU B 175 -2.22 26.78 -2.38
CA GLU B 175 -2.36 27.64 -3.55
C GLU B 175 -3.19 26.89 -4.59
N GLY B 176 -2.97 25.59 -4.67
CA GLY B 176 -3.72 24.77 -5.61
C GLY B 176 -5.20 24.72 -5.27
N ILE B 177 -5.51 24.52 -4.00
CA ILE B 177 -6.89 24.43 -3.54
C ILE B 177 -7.62 25.74 -3.80
N GLN B 178 -6.97 26.86 -3.48
CA GLN B 178 -7.61 28.15 -3.70
C GLN B 178 -7.82 28.35 -5.18
N ARG B 179 -6.87 27.89 -5.99
CA ARG B 179 -6.98 28.06 -7.43
C ARG B 179 -8.16 27.25 -7.95
N VAL B 180 -8.42 26.10 -7.34
CA VAL B 180 -9.54 25.26 -7.75
C VAL B 180 -10.86 25.90 -7.35
N LEU B 181 -10.89 26.48 -6.17
CA LEU B 181 -12.10 27.12 -5.67
C LEU B 181 -12.45 28.43 -6.38
N THR B 182 -11.45 29.09 -6.94
CA THR B 182 -11.68 30.37 -7.58
C THR B 182 -11.81 30.41 -9.10
N THR B 183 -11.02 29.59 -9.78
CA THR B 183 -11.03 29.58 -11.23
C THR B 183 -11.41 28.21 -11.77
N ASP B 184 -11.39 28.08 -13.08
CA ASP B 184 -11.72 26.80 -13.71
C ASP B 184 -10.41 26.02 -13.81
N TYR B 185 -10.02 25.44 -12.68
CA TYR B 185 -8.77 24.71 -12.55
C TYR B 185 -8.94 23.39 -11.78
N ALA B 186 -8.24 22.35 -12.24
CA ALA B 186 -8.27 21.05 -11.59
C ALA B 186 -6.86 20.77 -11.06
N LEU B 187 -6.80 20.19 -9.86
CA LEU B 187 -5.52 19.90 -9.24
C LEU B 187 -5.22 18.41 -9.09
N LEU B 188 -4.12 17.95 -9.69
CA LEU B 188 -3.71 16.55 -9.55
C LEU B 188 -3.09 16.54 -8.16
N MET B 189 -3.63 15.69 -7.29
CA MET B 189 -3.20 15.67 -5.90
C MET B 189 -3.33 14.27 -5.31
N GLU B 190 -2.57 14.00 -4.25
CA GLU B 190 -2.62 12.69 -3.61
C GLU B 190 -3.99 12.47 -2.93
N SER B 191 -4.56 11.30 -3.17
CA SER B 191 -5.88 10.95 -2.65
C SER B 191 -6.09 11.22 -1.17
N THR B 192 -5.10 10.92 -0.34
CA THR B 192 -5.26 11.16 1.08
C THR B 192 -5.54 12.64 1.35
N SER B 193 -4.89 13.52 0.59
CA SER B 193 -5.09 14.95 0.77
C SER B 193 -6.44 15.39 0.24
N ILE B 194 -6.88 14.78 -0.85
CA ILE B 194 -8.17 15.13 -1.44
C ILE B 194 -9.29 14.79 -0.45
N GLU B 195 -9.18 13.63 0.20
CA GLU B 195 -10.19 13.21 1.18
C GLU B 195 -10.27 14.27 2.26
N TYR B 196 -9.12 14.70 2.76
CA TYR B 196 -9.07 15.71 3.81
C TYR B 196 -9.78 16.98 3.37
N VAL B 197 -9.43 17.46 2.18
CA VAL B 197 -10.04 18.69 1.66
C VAL B 197 -11.54 18.58 1.36
N THR B 198 -11.95 17.55 0.62
CA THR B 198 -13.37 17.41 0.28
C THR B 198 -14.27 17.28 1.49
N GLN B 199 -13.70 16.85 2.62
CA GLN B 199 -14.44 16.69 3.85
C GLN B 199 -14.65 18.02 4.55
N ARG B 200 -13.91 19.03 4.10
CA ARG B 200 -14.01 20.36 4.71
C ARG B 200 -14.45 21.42 3.72
N ASN B 201 -14.71 20.98 2.49
CA ASN B 201 -15.12 21.85 1.40
C ASN B 201 -16.15 21.11 0.57
N CYS B 202 -17.43 21.31 0.87
CA CYS B 202 -18.49 20.63 0.14
C CYS B 202 -18.56 21.01 -1.32
N ASN B 203 -17.87 22.08 -1.70
CA ASN B 203 -17.84 22.53 -3.09
C ASN B 203 -16.90 21.67 -3.92
N LEU B 204 -15.92 21.06 -3.26
CA LEU B 204 -14.93 20.24 -3.94
C LEU B 204 -15.23 18.75 -3.88
N THR B 205 -14.63 18.00 -4.79
CA THR B 205 -14.83 16.57 -4.82
C THR B 205 -13.69 15.91 -5.59
N GLN B 206 -13.56 14.59 -5.44
CA GLN B 206 -12.54 13.85 -6.15
C GLN B 206 -13.12 13.45 -7.51
N ILE B 207 -12.28 13.54 -8.55
CA ILE B 207 -12.74 13.15 -9.88
C ILE B 207 -12.06 11.85 -10.26
N GLY B 208 -12.86 10.86 -10.62
CA GLY B 208 -12.32 9.58 -11.00
C GLY B 208 -11.67 8.88 -9.82
N GLY B 209 -10.89 7.86 -10.10
CA GLY B 209 -10.23 7.14 -9.02
C GLY B 209 -8.75 7.45 -8.96
N LEU B 210 -7.96 6.48 -8.53
CA LEU B 210 -6.53 6.65 -8.43
C LEU B 210 -5.89 6.26 -9.74
N ILE B 211 -4.87 6.99 -10.17
CA ILE B 211 -4.22 6.66 -11.41
C ILE B 211 -2.88 5.96 -11.15
N ASP B 212 -2.64 5.60 -9.90
CA ASP B 212 -1.42 4.91 -9.51
C ASP B 212 -1.50 4.56 -8.03
N SER B 213 -0.63 3.68 -7.55
CA SER B 213 -0.67 3.29 -6.15
C SER B 213 0.64 3.60 -5.42
N LYS B 214 0.58 4.50 -4.44
CA LYS B 214 1.76 4.92 -3.68
C LYS B 214 1.56 4.78 -2.18
N GLY B 215 2.62 5.00 -1.42
CA GLY B 215 2.52 4.91 0.01
C GLY B 215 3.41 5.93 0.69
N TYR B 216 3.09 6.24 1.94
CA TYR B 216 3.90 7.16 2.73
C TYR B 216 4.67 6.28 3.69
N GLY B 217 5.95 6.56 3.85
CA GLY B 217 6.74 5.75 4.76
C GLY B 217 7.61 6.62 5.63
N VAL B 218 8.09 6.04 6.72
CA VAL B 218 8.98 6.77 7.61
C VAL B 218 10.36 6.66 6.97
N GLY B 219 11.04 7.79 6.85
CA GLY B 219 12.35 7.77 6.22
C GLY B 219 13.49 7.64 7.20
N THR B 220 14.52 6.91 6.80
CA THR B 220 15.70 6.74 7.65
C THR B 220 16.91 6.73 6.73
N PRO B 221 18.10 7.02 7.28
CA PRO B 221 19.32 7.03 6.46
C PRO B 221 19.60 5.63 5.97
N ILE B 222 20.31 5.50 4.87
CA ILE B 222 20.62 4.18 4.37
C ILE B 222 21.49 3.44 5.40
N GLY B 223 21.19 2.16 5.60
CA GLY B 223 21.94 1.37 6.57
C GLY B 223 21.49 1.56 8.01
N SER B 224 20.40 2.30 8.19
CA SER B 224 19.86 2.55 9.52
C SER B 224 19.33 1.31 10.21
N PRO B 225 19.68 1.12 11.49
CA PRO B 225 19.22 -0.03 12.27
C PRO B 225 17.75 0.05 12.66
N TYR B 226 17.16 1.23 12.53
CA TYR B 226 15.74 1.40 12.90
C TYR B 226 14.77 1.07 11.79
N ARG B 227 15.21 1.19 10.54
CA ARG B 227 14.34 0.91 9.40
C ARG B 227 13.45 -0.32 9.61
N ASP B 228 14.07 -1.48 9.86
CA ASP B 228 13.30 -2.70 10.05
C ASP B 228 12.45 -2.71 11.33
N LYS B 229 12.98 -2.14 12.40
CA LYS B 229 12.22 -2.11 13.65
C LYS B 229 10.95 -1.28 13.47
N ILE B 230 11.07 -0.19 12.73
CA ILE B 230 9.93 0.68 12.47
C ILE B 230 8.92 0.00 11.55
N THR B 231 9.41 -0.68 10.53
CA THR B 231 8.55 -1.40 9.61
C THR B 231 7.68 -2.39 10.37
N ILE B 232 8.33 -3.18 11.22
CA ILE B 232 7.63 -4.17 12.02
C ILE B 232 6.60 -3.51 12.95
N ALA B 233 6.94 -2.36 13.53
CA ALA B 233 6.02 -1.68 14.42
C ALA B 233 4.81 -1.15 13.63
N ILE B 234 5.04 -0.68 12.41
CA ILE B 234 3.97 -0.16 11.59
C ILE B 234 2.97 -1.28 11.24
N LEU B 235 3.51 -2.45 10.89
CA LEU B 235 2.66 -3.60 10.55
C LEU B 235 1.81 -3.96 11.76
N GLN B 236 2.43 -3.89 12.94
CA GLN B 236 1.74 -4.20 14.18
C GLN B 236 0.58 -3.20 14.37
N LEU B 237 0.87 -1.91 14.23
CA LEU B 237 -0.14 -0.88 14.41
C LEU B 237 -1.26 -1.01 13.37
N GLN B 238 -0.91 -1.46 12.18
CA GLN B 238 -1.90 -1.62 11.13
C GLN B 238 -2.81 -2.79 11.49
N GLU B 239 -2.20 -3.93 11.83
CA GLU B 239 -2.94 -5.13 12.19
C GLU B 239 -3.89 -4.99 13.38
N GLU B 240 -3.65 -4.04 14.28
CA GLU B 240 -4.55 -3.89 15.41
C GLU B 240 -5.51 -2.70 15.29
N GLY B 241 -5.59 -2.14 14.08
CA GLY B 241 -6.51 -1.05 13.83
C GLY B 241 -6.11 0.35 14.27
N LYS B 242 -4.90 0.51 14.80
CA LYS B 242 -4.49 1.84 15.24
C LYS B 242 -4.26 2.84 14.11
N LEU B 243 -3.67 2.41 13.00
CA LEU B 243 -3.44 3.34 11.88
C LEU B 243 -4.78 3.84 11.34
N HIS B 244 -5.74 2.93 11.24
CA HIS B 244 -7.07 3.26 10.75
C HIS B 244 -7.76 4.23 11.72
N MET B 245 -7.58 3.96 13.00
CA MET B 245 -8.16 4.78 14.06
C MET B 245 -7.57 6.19 13.98
N MET B 246 -6.25 6.28 13.83
CA MET B 246 -5.59 7.58 13.75
C MET B 246 -6.07 8.36 12.54
N LYS B 247 -6.21 7.69 11.41
CA LYS B 247 -6.66 8.39 10.22
C LYS B 247 -8.05 8.98 10.46
N GLU B 248 -8.96 8.20 11.03
CA GLU B 248 -10.30 8.69 11.30
C GLU B 248 -10.29 9.90 12.23
N LYS B 249 -9.42 9.86 13.24
CA LYS B 249 -9.33 10.96 14.18
C LYS B 249 -9.00 12.30 13.51
N TRP B 250 -8.01 12.31 12.62
CA TRP B 250 -7.58 13.54 11.95
C TRP B 250 -8.26 13.88 10.63
N TRP B 251 -8.94 12.94 10.00
CA TRP B 251 -9.57 13.21 8.72
C TRP B 251 -11.03 13.64 8.76
N ARG B 252 -11.81 13.01 9.64
CA ARG B 252 -13.23 13.31 9.76
C ARG B 252 -13.51 14.81 9.82
N GLY B 253 -14.49 15.24 9.02
CA GLY B 253 -14.87 16.64 9.03
C GLY B 253 -16.17 16.77 9.79
N ASN B 254 -16.99 17.77 9.46
CA ASN B 254 -18.27 17.95 10.15
C ASN B 254 -19.46 17.67 9.23
N GLY B 255 -19.30 16.73 8.31
CA GLY B 255 -20.37 16.38 7.38
C GLY B 255 -20.63 17.44 6.32
N CYS B 256 -21.23 17.01 5.20
CA CYS B 256 -21.55 17.92 4.10
C CYS B 256 -22.96 17.69 3.59
OAD DOQ C . -0.14 -22.10 3.91
CAQ DOQ C . -1.32 -22.29 3.57
OAG DOQ C . -1.75 -23.25 2.90
CAS DOQ C . -2.35 -21.22 3.98
CAB DOQ C . -3.18 -21.72 5.17
CAK DOQ C . -3.26 -20.94 2.78
CAI DOQ C . -3.22 -19.69 2.19
CAJ DOQ C . -4.02 -19.41 1.08
CAP DOQ C . -3.98 -18.15 0.49
CAA DOQ C . -4.83 -17.86 -0.75
CAT DOQ C . -3.06 -17.06 1.05
CAL DOQ C . -2.89 -15.88 0.08
N DOQ C . -2.41 -14.79 0.94
CA DOQ C . -2.79 -15.11 2.33
C DOQ C . -1.54 -15.42 3.15
OXT DOQ C . -0.44 -15.12 2.64
O DOQ C . -1.70 -15.92 4.27
CB DOQ C . -3.69 -16.35 2.24
CG DOQ C . -5.13 -15.95 1.90
CD DOQ C . -5.85 -15.34 3.09
OE2 DOQ C . -5.40 -15.62 4.23
OE1 DOQ C . -6.84 -14.61 2.86
OAD DOQ D . 9.40 19.96 -1.16
CAQ DOQ D . 8.53 20.68 -1.70
OAG DOQ D . 8.37 21.90 -1.51
CAS DOQ D . 7.57 19.99 -2.67
CAB DOQ D . 7.62 20.68 -4.03
CAK DOQ D . 6.15 20.08 -2.09
CAI DOQ D . 5.48 18.92 -1.69
CAJ DOQ D . 4.20 19.03 -1.17
CAP DOQ D . 3.49 17.91 -0.75
CAA DOQ D . 2.10 18.08 -0.15
CAT DOQ D . 4.10 16.50 -0.86
CAL DOQ D . 3.23 15.45 -0.17
N DOQ D . 3.68 14.18 -0.75
CA DOQ D . 4.36 14.49 -2.03
C DOQ D . 5.86 14.20 -1.91
OXT DOQ D . 6.22 13.51 -0.93
O DOQ D . 6.60 14.65 -2.80
CB DOQ D . 4.09 15.98 -2.29
CG DOQ D . 2.70 16.19 -2.90
CD DOQ D . 2.66 15.74 -4.37
OE2 DOQ D . 3.76 15.70 -4.97
OE1 DOQ D . 1.54 15.48 -4.85
#